data_6BWQ
#
_entry.id   6BWQ
#
_cell.length_a   97.215
_cell.length_b   97.215
_cell.length_c   97.215
_cell.angle_alpha   90.000
_cell.angle_beta   90.000
_cell.angle_gamma   90.000
#
_symmetry.space_group_name_H-M   'P 21 3'
#
loop_
_entity.id
_entity.type
_entity.pdbx_description
1 polymer 'Pyridinium-3,5-bisthiocarboxylic acid mononucleotide nickel insertion protein'
2 non-polymer 'MANGANESE (II) ION'
3 non-polymer "CYTIDINE-5'-TRIPHOSPHATE"
4 non-polymer 'CHLORIDE ION'
5 water water
#
_entity_poly.entity_id   1
_entity_poly.type   'polypeptide(L)'
_entity_poly.pdbx_seq_one_letter_code
;TADAVLMIEANLDDQTGEGLGYVMNQLLTAGAYDVFFTPIQMKKDRPATKLTVLGNVNDKDLLTKLILQETTTIGVRYQT
WQRTIMQRHFLTVATPYGDVQVKVATYQDIEKKMPEYADCAQLAQQFHIPFRTVYQAALVAVDQLDEEA
;
_entity_poly.pdbx_strand_id   A,B
#
loop_
_chem_comp.id
_chem_comp.type
_chem_comp.name
_chem_comp.formula
CL non-polymer 'CHLORIDE ION' 'Cl -1'
CTP non-polymer CYTIDINE-5'-TRIPHOSPHATE 'C9 H16 N3 O14 P3'
MN non-polymer 'MANGANESE (II) ION' 'Mn 2'
#
# COMPACT_ATOMS: atom_id res chain seq x y z
N THR A 1 -0.23 27.93 -12.38
CA THR A 1 -0.83 27.00 -13.34
C THR A 1 0.23 26.08 -13.94
N ALA A 2 1.38 26.67 -14.28
CA ALA A 2 2.45 25.96 -14.98
C ALA A 2 3.69 25.94 -14.12
N ASP A 3 4.21 24.75 -13.85
CA ASP A 3 5.45 24.60 -13.11
C ASP A 3 6.22 23.43 -13.71
N ALA A 4 7.13 22.87 -12.92
CA ALA A 4 7.95 21.74 -13.31
C ALA A 4 8.03 20.79 -12.12
N VAL A 5 8.30 19.52 -12.41
CA VAL A 5 8.40 18.50 -11.38
C VAL A 5 9.63 17.64 -11.69
N LEU A 6 10.29 17.17 -10.65
CA LEU A 6 11.43 16.27 -10.82
C LEU A 6 10.96 14.84 -10.65
N MET A 7 11.39 13.96 -11.55
CA MET A 7 11.09 12.55 -11.47
C MET A 7 12.38 11.78 -11.25
N ILE A 8 12.40 10.95 -10.22
CA ILE A 8 13.54 10.12 -9.86
C ILE A 8 13.13 8.67 -9.92
N GLU A 9 13.96 7.83 -10.55
CA GLU A 9 13.63 6.43 -10.69
C GLU A 9 14.77 5.54 -10.25
N ALA A 10 14.44 4.30 -9.90
CA ALA A 10 15.42 3.28 -9.57
C ALA A 10 14.77 1.92 -9.67
N ASN A 11 15.48 0.97 -10.29
CA ASN A 11 15.03 -0.42 -10.40
C ASN A 11 15.62 -1.27 -9.28
N LEU A 12 14.80 -2.12 -8.70
CA LEU A 12 15.20 -2.88 -7.54
C LEU A 12 14.82 -4.33 -7.77
N ASP A 13 15.83 -5.18 -7.98
CA ASP A 13 15.65 -6.62 -8.00
C ASP A 13 16.33 -7.29 -6.81
N ASP A 14 16.91 -6.50 -5.91
CA ASP A 14 17.69 -7.01 -4.79
C ASP A 14 17.18 -6.48 -3.45
N GLN A 15 15.91 -6.10 -3.37
CA GLN A 15 15.29 -5.59 -2.15
C GLN A 15 13.95 -6.27 -1.91
N THR A 16 13.61 -6.55 -0.66
CA THR A 16 12.32 -7.14 -0.28
C THR A 16 11.18 -6.13 -0.44
N GLY A 17 9.97 -6.67 -0.61
CA GLY A 17 8.79 -5.82 -0.56
C GLY A 17 8.64 -5.12 0.77
N GLU A 18 8.95 -5.82 1.87
CA GLU A 18 8.93 -5.22 3.20
C GLU A 18 9.76 -3.94 3.22
N GLY A 19 10.97 -4.01 2.68
CA GLY A 19 11.83 -2.85 2.63
C GLY A 19 11.28 -1.74 1.77
N LEU A 20 10.60 -2.09 0.68
CA LEU A 20 10.03 -1.08 -0.21
C LEU A 20 8.84 -0.38 0.42
N GLY A 21 7.99 -1.12 1.11
CA GLY A 21 6.90 -0.48 1.82
C GLY A 21 7.40 0.51 2.84
N TYR A 22 8.54 0.20 3.48
CA TYR A 22 9.11 1.13 4.44
C TYR A 22 9.58 2.41 3.75
N VAL A 23 10.28 2.28 2.62
CA VAL A 23 10.84 3.48 2.00
C VAL A 23 9.76 4.33 1.36
N MET A 24 8.69 3.72 0.84
CA MET A 24 7.58 4.53 0.34
C MET A 24 7.12 5.51 1.42
N ASN A 25 7.00 5.02 2.64
CA ASN A 25 6.52 5.88 3.69
C ASN A 25 7.59 6.84 4.20
N GLN A 26 8.86 6.45 4.12
CA GLN A 26 9.93 7.41 4.40
C GLN A 26 9.92 8.57 3.40
N LEU A 27 9.62 8.26 2.13
CA LEU A 27 9.67 9.28 1.08
C LEU A 27 8.54 10.28 1.20
N LEU A 28 7.35 9.81 1.57
CA LEU A 28 6.21 10.73 1.70
C LEU A 28 6.40 11.66 2.88
N THR A 29 6.91 11.14 4.00
CA THR A 29 7.17 12.02 5.15
C THR A 29 8.27 13.02 4.83
N ALA A 30 9.09 12.74 3.82
CA ALA A 30 10.12 13.65 3.35
C ALA A 30 9.59 14.73 2.41
N GLY A 31 8.31 14.68 2.05
CA GLY A 31 7.72 15.73 1.25
C GLY A 31 7.63 15.44 -0.22
N ALA A 32 7.75 14.19 -0.63
CA ALA A 32 7.54 13.85 -2.02
C ALA A 32 6.10 14.15 -2.43
N TYR A 33 5.94 14.70 -3.63
CA TYR A 33 4.59 14.93 -4.15
C TYR A 33 3.87 13.60 -4.30
N ASP A 34 4.59 12.58 -4.76
CA ASP A 34 4.01 11.27 -5.03
C ASP A 34 5.14 10.25 -5.05
N VAL A 35 4.79 9.01 -4.72
CA VAL A 35 5.66 7.84 -4.75
C VAL A 35 4.84 6.69 -5.31
N PHE A 36 5.38 5.95 -6.26
CA PHE A 36 4.65 4.77 -6.69
C PHE A 36 5.60 3.68 -7.14
N PHE A 37 5.08 2.46 -7.16
CA PHE A 37 5.80 1.26 -7.59
C PHE A 37 5.19 0.74 -8.89
N THR A 38 6.07 0.31 -9.78
CA THR A 38 5.68 -0.34 -11.01
C THR A 38 6.33 -1.72 -11.08
N PRO A 39 5.58 -2.80 -11.19
CA PRO A 39 6.20 -4.11 -11.37
C PRO A 39 6.87 -4.18 -12.73
N ILE A 40 8.12 -4.58 -12.74
CA ILE A 40 8.87 -4.75 -13.98
C ILE A 40 9.48 -6.14 -13.97
N GLN A 41 10.08 -6.50 -15.10
CA GLN A 41 10.68 -7.81 -15.28
C GLN A 41 12.12 -7.59 -15.69
N MET A 42 13.06 -8.04 -14.88
CA MET A 42 14.47 -7.79 -15.09
C MET A 42 15.21 -9.08 -15.46
N LYS A 43 16.49 -8.93 -15.77
CA LYS A 43 17.35 -9.99 -16.28
C LYS A 43 17.39 -11.17 -15.32
N LYS A 44 17.84 -12.32 -15.85
CA LYS A 44 18.03 -13.53 -15.05
C LYS A 44 16.74 -13.95 -14.34
N ASP A 45 15.61 -13.73 -15.02
CA ASP A 45 14.29 -14.19 -14.58
C ASP A 45 13.90 -13.59 -13.22
N ARG A 46 14.26 -12.33 -12.99
CA ARG A 46 13.99 -11.70 -11.70
C ARG A 46 12.76 -10.82 -11.78
N PRO A 47 11.74 -11.06 -10.96
CA PRO A 47 10.66 -10.08 -10.82
C PRO A 47 11.17 -8.93 -9.98
N ALA A 48 10.92 -7.71 -10.44
CA ALA A 48 11.54 -6.55 -9.80
C ALA A 48 10.49 -5.47 -9.65
N THR A 49 10.88 -4.36 -9.03
CA THR A 49 10.01 -3.21 -8.81
C THR A 49 10.76 -1.97 -9.25
N LYS A 50 10.11 -1.12 -10.02
CA LYS A 50 10.67 0.18 -10.31
C LYS A 50 10.07 1.17 -9.32
N LEU A 51 10.93 1.96 -8.68
CA LEU A 51 10.49 2.99 -7.76
C LEU A 51 10.52 4.33 -8.47
N THR A 52 9.40 5.05 -8.46
CA THR A 52 9.32 6.39 -9.03
C THR A 52 8.89 7.37 -7.94
N VAL A 53 9.59 8.50 -7.87
CA VAL A 53 9.30 9.56 -6.91
C VAL A 53 9.17 10.87 -7.67
N LEU A 54 8.10 11.60 -7.42
CA LEU A 54 7.89 12.93 -7.96
C LEU A 54 8.06 13.94 -6.84
N GLY A 55 8.76 15.03 -7.12
CA GLY A 55 8.95 16.02 -6.08
C GLY A 55 9.40 17.34 -6.68
N ASN A 56 9.62 18.31 -5.79
CA ASN A 56 10.13 19.61 -6.19
C ASN A 56 11.51 19.47 -6.84
N VAL A 57 11.74 20.26 -7.88
CA VAL A 57 13.00 20.21 -8.61
C VAL A 57 14.17 20.50 -7.69
N ASN A 58 13.95 21.30 -6.64
CA ASN A 58 14.98 21.67 -5.68
C ASN A 58 15.25 20.58 -4.65
N ASP A 59 14.47 19.50 -4.64
CA ASP A 59 14.64 18.40 -3.71
C ASP A 59 15.47 17.27 -4.29
N LYS A 60 16.21 17.52 -5.36
CA LYS A 60 17.01 16.46 -5.95
C LYS A 60 17.93 15.81 -4.93
N ASP A 61 18.67 16.61 -4.17
CA ASP A 61 19.66 16.03 -3.26
C ASP A 61 18.98 15.29 -2.12
N LEU A 62 17.92 15.87 -1.57
CA LEU A 62 17.19 15.25 -0.48
C LEU A 62 16.68 13.86 -0.89
N LEU A 63 15.89 13.80 -1.97
CA LEU A 63 15.28 12.55 -2.39
C LEU A 63 16.30 11.54 -2.88
N THR A 64 17.30 12.01 -3.62
CA THR A 64 18.38 11.11 -4.04
C THR A 64 19.03 10.45 -2.84
N LYS A 65 19.45 11.26 -1.87
CA LYS A 65 20.18 10.73 -0.72
C LYS A 65 19.32 9.78 0.08
N LEU A 66 18.04 10.09 0.22
CA LEU A 66 17.16 9.18 0.93
C LEU A 66 17.10 7.83 0.23
N ILE A 67 17.01 7.82 -1.09
CA ILE A 67 16.90 6.58 -1.82
C ILE A 67 18.17 5.75 -1.72
N LEU A 68 19.33 6.38 -1.84
CA LEU A 68 20.58 5.63 -1.76
C LEU A 68 20.85 5.11 -0.36
N GLN A 69 20.32 5.79 0.67
CA GLN A 69 20.49 5.34 2.05
C GLN A 69 19.54 4.20 2.38
N GLU A 70 18.29 4.27 1.90
CA GLU A 70 17.26 3.35 2.34
C GLU A 70 16.98 2.20 1.37
N THR A 71 17.38 2.31 0.10
CA THR A 71 17.22 1.19 -0.81
C THR A 71 18.57 0.54 -1.08
N THR A 72 18.54 -0.51 -1.89
CA THR A 72 19.75 -1.23 -2.27
C THR A 72 20.40 -0.67 -3.52
N THR A 73 19.80 0.31 -4.19
CA THR A 73 20.28 0.74 -5.48
C THR A 73 21.64 1.42 -5.40
N ILE A 74 22.43 1.22 -6.45
CA ILE A 74 23.74 1.86 -6.59
C ILE A 74 23.65 3.24 -7.23
N GLY A 75 22.62 3.50 -8.03
CA GLY A 75 22.46 4.80 -8.65
C GLY A 75 20.99 5.13 -8.79
N VAL A 76 20.72 6.41 -9.05
CA VAL A 76 19.39 6.89 -9.38
C VAL A 76 19.47 7.67 -10.67
N ARG A 77 18.37 7.68 -11.40
CA ARG A 77 18.23 8.53 -12.57
C ARG A 77 17.12 9.53 -12.31
N TYR A 78 17.27 10.74 -12.83
CA TYR A 78 16.26 11.74 -12.55
C TYR A 78 16.14 12.66 -13.74
N GLN A 79 15.01 13.35 -13.82
CA GLN A 79 14.80 14.26 -14.92
C GLN A 79 13.61 15.15 -14.58
N THR A 80 13.53 16.29 -15.26
CA THR A 80 12.52 17.29 -14.98
C THR A 80 11.40 17.21 -16.00
N TRP A 81 10.17 17.19 -15.51
CA TRP A 81 8.98 17.21 -16.35
C TRP A 81 8.31 18.57 -16.22
N GLN A 82 7.77 19.08 -17.31
CA GLN A 82 6.87 20.22 -17.19
C GLN A 82 5.51 19.72 -16.75
N ARG A 83 4.73 20.60 -16.14
CA ARG A 83 3.40 20.24 -15.64
C ARG A 83 2.38 21.32 -15.95
N THR A 84 1.14 20.88 -16.08
CA THR A 84 -0.02 21.74 -16.13
C THR A 84 -0.94 21.29 -15.00
N ILE A 85 -1.20 22.18 -14.05
CA ILE A 85 -1.91 21.86 -12.81
C ILE A 85 -3.11 22.78 -12.69
N MET A 86 -4.25 22.23 -12.32
CA MET A 86 -5.39 23.09 -12.07
C MET A 86 -5.21 23.84 -10.76
N GLN A 87 -5.88 24.99 -10.68
CA GLN A 87 -6.03 25.71 -9.43
C GLN A 87 -6.96 24.93 -8.52
N ARG A 88 -6.68 24.96 -7.23
CA ARG A 88 -7.32 24.09 -6.26
C ARG A 88 -7.63 24.91 -5.01
N HIS A 89 -8.80 24.67 -4.43
CA HIS A 89 -9.14 25.17 -3.10
C HIS A 89 -10.13 24.20 -2.48
N PHE A 90 -10.49 24.44 -1.22
CA PHE A 90 -11.32 23.52 -0.47
C PHE A 90 -12.63 24.15 -0.08
N LEU A 91 -13.69 23.34 -0.09
CA LEU A 91 -15.01 23.68 0.39
C LEU A 91 -15.41 22.69 1.46
N THR A 92 -16.04 23.18 2.50
CA THR A 92 -16.61 22.33 3.54
C THR A 92 -18.03 22.06 3.08
N VAL A 93 -18.37 20.78 2.92
CA VAL A 93 -19.68 20.41 2.40
C VAL A 93 -20.40 19.61 3.47
N ALA A 94 -21.63 19.99 3.75
CA ALA A 94 -22.46 19.28 4.72
C ALA A 94 -23.15 18.13 4.01
N THR A 95 -23.09 16.95 4.59
CA THR A 95 -23.67 15.73 4.05
C THR A 95 -24.58 15.10 5.09
N PRO A 96 -25.35 14.06 4.71
CA PRO A 96 -26.15 13.36 5.71
C PRO A 96 -25.37 12.74 6.85
N TYR A 97 -24.03 12.69 6.80
CA TYR A 97 -23.23 12.05 7.83
C TYR A 97 -22.26 13.01 8.52
N GLY A 98 -22.27 14.28 8.18
CA GLY A 98 -21.34 15.26 8.71
C GLY A 98 -20.54 15.94 7.61
N ASP A 99 -19.74 16.91 8.03
CA ASP A 99 -19.01 17.73 7.08
C ASP A 99 -17.89 16.93 6.42
N VAL A 100 -17.73 17.15 5.12
CA VAL A 100 -16.68 16.53 4.34
C VAL A 100 -15.97 17.64 3.58
N GLN A 101 -14.64 17.63 3.62
CA GLN A 101 -13.90 18.58 2.80
C GLN A 101 -13.86 18.11 1.35
N VAL A 102 -14.02 19.05 0.43
CA VAL A 102 -14.02 18.74 -0.99
C VAL A 102 -13.04 19.66 -1.69
N LYS A 103 -12.09 19.06 -2.41
CA LYS A 103 -11.15 19.82 -3.22
C LYS A 103 -11.82 20.27 -4.51
N VAL A 104 -11.80 21.58 -4.76
CA VAL A 104 -12.40 22.17 -5.95
C VAL A 104 -11.27 22.59 -6.87
N ALA A 105 -11.17 21.94 -8.02
CA ALA A 105 -10.13 22.22 -9.00
C ALA A 105 -10.73 22.89 -10.23
N THR A 106 -10.06 23.92 -10.72
CA THR A 106 -10.53 24.64 -11.88
C THR A 106 -9.36 24.88 -12.83
N TYR A 107 -9.63 24.80 -14.11
CA TYR A 107 -8.60 25.12 -15.08
C TYR A 107 -9.32 25.67 -16.28
N GLN A 108 -9.17 26.97 -16.52
CA GLN A 108 -9.92 27.69 -17.54
C GLN A 108 -11.39 27.44 -17.22
N ASP A 109 -12.16 26.79 -18.08
CA ASP A 109 -13.54 26.48 -17.74
C ASP A 109 -13.76 25.00 -17.42
N ILE A 110 -12.70 24.27 -17.08
CA ILE A 110 -12.83 22.89 -16.60
C ILE A 110 -12.92 22.97 -15.09
N GLU A 111 -13.83 22.19 -14.50
CA GLU A 111 -14.04 22.21 -13.07
C GLU A 111 -14.48 20.85 -12.54
N LYS A 112 -13.82 20.37 -11.51
CA LYS A 112 -14.24 19.15 -10.87
C LYS A 112 -14.00 19.25 -9.37
N LYS A 113 -14.77 18.46 -8.62
CA LYS A 113 -14.85 18.57 -7.17
C LYS A 113 -14.70 17.18 -6.57
N MET A 114 -13.68 17.00 -5.74
CA MET A 114 -13.25 15.69 -5.27
C MET A 114 -13.35 15.58 -3.74
N PRO A 115 -14.27 14.79 -3.20
CA PRO A 115 -14.34 14.64 -1.74
C PRO A 115 -13.07 14.06 -1.16
N GLU A 116 -12.71 14.53 0.04
CA GLU A 116 -11.49 14.05 0.66
C GLU A 116 -11.68 12.63 1.16
N TYR A 117 -10.76 11.75 0.78
CA TYR A 117 -10.89 10.34 1.14
C TYR A 117 -10.92 10.15 2.64
N ALA A 118 -9.97 10.77 3.34
CA ALA A 118 -9.86 10.53 4.78
C ALA A 118 -11.13 10.95 5.51
N ASP A 119 -11.77 12.02 5.04
CA ASP A 119 -13.01 12.48 5.66
C ASP A 119 -14.12 11.45 5.46
N CYS A 120 -14.22 10.90 4.25
CA CYS A 120 -15.28 9.93 3.98
C CYS A 120 -15.01 8.61 4.68
N ALA A 121 -13.76 8.18 4.70
CA ALA A 121 -13.40 6.90 5.32
C ALA A 121 -13.60 6.93 6.83
N GLN A 122 -13.24 8.04 7.48
CA GLN A 122 -13.52 8.16 8.91
C GLN A 122 -15.02 8.02 9.20
N LEU A 123 -15.86 8.70 8.41
CA LEU A 123 -17.30 8.66 8.68
C LEU A 123 -17.90 7.31 8.34
N ALA A 124 -17.36 6.62 7.34
CA ALA A 124 -17.84 5.28 7.06
C ALA A 124 -17.49 4.34 8.20
N GLN A 125 -16.26 4.44 8.71
CA GLN A 125 -15.85 3.66 9.87
C GLN A 125 -16.74 3.95 11.07
N GLN A 126 -16.94 5.24 11.38
CA GLN A 126 -17.68 5.60 12.57
C GLN A 126 -19.11 5.10 12.54
N PHE A 127 -19.79 5.28 11.43
CA PHE A 127 -21.20 5.00 11.35
C PHE A 127 -21.50 3.66 10.71
N HIS A 128 -20.46 2.86 10.42
CA HIS A 128 -20.61 1.51 9.86
C HIS A 128 -21.38 1.53 8.54
N ILE A 129 -20.96 2.45 7.67
CA ILE A 129 -21.55 2.64 6.35
C ILE A 129 -20.46 2.35 5.32
N PRO A 130 -20.77 1.79 4.16
CA PRO A 130 -19.72 1.56 3.16
C PRO A 130 -19.08 2.88 2.77
N PHE A 131 -17.78 2.82 2.49
CA PHE A 131 -17.07 4.02 2.05
C PHE A 131 -17.72 4.60 0.81
N ARG A 132 -18.10 3.76 -0.13
CA ARG A 132 -18.70 4.24 -1.38
C ARG A 132 -20.04 4.89 -1.12
N THR A 133 -20.77 4.46 -0.10
CA THR A 133 -22.02 5.13 0.22
C THR A 133 -21.77 6.54 0.70
N VAL A 134 -20.77 6.73 1.54
CA VAL A 134 -20.48 8.08 2.04
C VAL A 134 -19.92 8.96 0.95
N TYR A 135 -18.97 8.43 0.16
CA TYR A 135 -18.35 9.20 -0.91
C TYR A 135 -19.40 9.71 -1.88
N GLN A 136 -20.36 8.87 -2.23
CA GLN A 136 -21.40 9.29 -3.16
C GLN A 136 -22.35 10.29 -2.51
N ALA A 137 -22.64 10.13 -1.22
CA ALA A 137 -23.43 11.14 -0.53
C ALA A 137 -22.73 12.48 -0.56
N ALA A 138 -21.40 12.47 -0.47
CA ALA A 138 -20.65 13.72 -0.58
C ALA A 138 -20.69 14.26 -2.00
N LEU A 139 -20.68 13.38 -2.99
CA LEU A 139 -20.80 13.85 -4.37
C LEU A 139 -22.16 14.47 -4.63
N VAL A 140 -23.22 13.85 -4.12
CA VAL A 140 -24.54 14.44 -4.28
C VAL A 140 -24.59 15.79 -3.61
N ALA A 141 -24.12 15.86 -2.36
CA ALA A 141 -24.15 17.13 -1.64
C ALA A 141 -23.35 18.20 -2.36
N VAL A 142 -22.27 17.81 -3.03
CA VAL A 142 -21.49 18.77 -3.79
C VAL A 142 -22.33 19.34 -4.92
N ASP A 143 -23.15 18.50 -5.54
CA ASP A 143 -23.98 18.96 -6.65
C ASP A 143 -24.90 20.10 -6.25
N GLN A 144 -25.11 20.29 -4.95
CA GLN A 144 -25.64 21.53 -4.36
C GLN A 144 -26.84 22.09 -5.11
N ASP B 3 -3.56 -27.15 7.49
CA ASP B 3 -4.88 -26.56 7.69
C ASP B 3 -5.34 -25.73 6.48
N ALA B 4 -6.46 -26.16 5.90
CA ALA B 4 -7.02 -25.58 4.70
C ALA B 4 -7.27 -24.08 4.82
N VAL B 5 -7.34 -23.42 3.66
CA VAL B 5 -7.55 -21.98 3.56
C VAL B 5 -8.64 -21.72 2.54
N LEU B 6 -9.44 -20.70 2.81
CA LEU B 6 -10.46 -20.26 1.88
C LEU B 6 -9.91 -19.12 1.04
N MET B 7 -10.13 -19.18 -0.26
CA MET B 7 -9.76 -18.12 -1.18
C MET B 7 -11.04 -17.56 -1.79
N ILE B 8 -11.23 -16.24 -1.72
CA ILE B 8 -12.37 -15.57 -2.33
C ILE B 8 -11.84 -14.57 -3.34
N GLU B 9 -12.44 -14.53 -4.54
CA GLU B 9 -12.00 -13.63 -5.60
C GLU B 9 -13.15 -12.80 -6.13
N ALA B 10 -12.80 -11.65 -6.69
CA ALA B 10 -13.75 -10.80 -7.38
C ALA B 10 -12.97 -9.81 -8.23
N ASN B 11 -13.41 -9.63 -9.48
CA ASN B 11 -12.81 -8.66 -10.39
C ASN B 11 -13.58 -7.34 -10.33
N LEU B 12 -12.84 -6.24 -10.29
CA LEU B 12 -13.41 -4.91 -10.11
C LEU B 12 -12.87 -3.99 -11.18
N ASP B 13 -13.73 -3.60 -12.11
CA ASP B 13 -13.41 -2.57 -13.09
C ASP B 13 -14.20 -1.29 -12.88
N ASP B 14 -15.04 -1.24 -11.85
CA ASP B 14 -15.95 -0.12 -11.64
C ASP B 14 -15.79 0.50 -10.25
N GLN B 15 -14.60 0.39 -9.66
CA GLN B 15 -14.32 0.97 -8.35
C GLN B 15 -13.00 1.73 -8.37
N THR B 16 -12.92 2.82 -7.61
CA THR B 16 -11.70 3.60 -7.48
C THR B 16 -10.65 2.86 -6.66
N GLY B 17 -9.39 3.22 -6.89
CA GLY B 17 -8.33 2.73 -6.03
C GLY B 17 -8.51 3.15 -4.57
N GLU B 18 -8.96 4.38 -4.35
CA GLU B 18 -9.26 4.85 -3.00
C GLU B 18 -10.17 3.89 -2.26
N GLY B 19 -11.26 3.48 -2.91
CA GLY B 19 -12.16 2.54 -2.29
C GLY B 19 -11.53 1.20 -2.02
N LEU B 20 -10.61 0.77 -2.90
CA LEU B 20 -9.99 -0.54 -2.72
C LEU B 20 -9.02 -0.56 -1.56
N GLY B 21 -8.27 0.50 -1.38
CA GLY B 21 -7.44 0.58 -0.20
C GLY B 21 -8.24 0.54 1.08
N TYR B 22 -9.44 1.12 1.07
CA TYR B 22 -10.31 1.07 2.24
C TYR B 22 -10.72 -0.37 2.54
N VAL B 23 -11.12 -1.11 1.50
CA VAL B 23 -11.63 -2.46 1.74
C VAL B 23 -10.53 -3.40 2.16
N MET B 24 -9.29 -3.23 1.66
CA MET B 24 -8.20 -4.06 2.16
C MET B 24 -8.08 -3.92 3.68
N ASN B 25 -8.18 -2.70 4.19
CA ASN B 25 -8.04 -2.55 5.64
C ASN B 25 -9.27 -3.00 6.39
N GLN B 26 -10.47 -2.88 5.83
CA GLN B 26 -11.63 -3.48 6.49
C GLN B 26 -11.47 -4.98 6.59
N LEU B 27 -10.98 -5.61 5.53
CA LEU B 27 -10.88 -7.06 5.47
C LEU B 27 -9.82 -7.57 6.43
N LEU B 28 -8.72 -6.84 6.56
CA LEU B 28 -7.67 -7.29 7.44
C LEU B 28 -8.10 -7.18 8.90
N THR B 29 -8.78 -6.10 9.24
CA THR B 29 -9.28 -5.98 10.60
C THR B 29 -10.40 -6.97 10.89
N ALA B 30 -11.06 -7.51 9.87
CA ALA B 30 -12.06 -8.53 10.10
C ALA B 30 -11.46 -9.91 10.32
N GLY B 31 -10.16 -10.06 10.21
CA GLY B 31 -9.51 -11.31 10.47
C GLY B 31 -9.15 -12.14 9.26
N ALA B 32 -9.13 -11.54 8.07
CA ALA B 32 -8.64 -12.23 6.90
C ALA B 32 -7.18 -12.57 7.10
N TYR B 33 -6.77 -13.77 6.66
CA TYR B 33 -5.35 -14.14 6.74
C TYR B 33 -4.49 -13.22 5.90
N ASP B 34 -4.97 -12.89 4.70
CA ASP B 34 -4.23 -12.09 3.75
C ASP B 34 -5.21 -11.50 2.75
N VAL B 35 -4.86 -10.35 2.22
CA VAL B 35 -5.61 -9.65 1.18
C VAL B 35 -4.61 -9.10 0.18
N PHE B 36 -4.82 -9.33 -1.10
CA PHE B 36 -3.93 -8.73 -2.07
C PHE B 36 -4.69 -8.40 -3.34
N PHE B 37 -4.09 -7.50 -4.12
CA PHE B 37 -4.61 -7.07 -5.41
C PHE B 37 -3.72 -7.56 -6.52
N THR B 38 -4.34 -8.00 -7.61
CA THR B 38 -3.67 -8.39 -8.85
C THR B 38 -4.16 -7.53 -10.00
N PRO B 39 -3.27 -6.82 -10.70
CA PRO B 39 -3.71 -6.02 -11.85
C PRO B 39 -4.16 -6.92 -13.00
N ILE B 40 -5.35 -6.65 -13.52
CA ILE B 40 -5.88 -7.40 -14.64
C ILE B 40 -6.37 -6.44 -15.69
N GLN B 41 -6.68 -6.99 -16.86
CA GLN B 41 -7.13 -6.23 -18.01
C GLN B 41 -8.44 -6.84 -18.45
N MET B 42 -9.50 -6.07 -18.40
CA MET B 42 -10.83 -6.59 -18.69
C MET B 42 -11.38 -5.98 -19.98
N LYS B 43 -12.58 -6.42 -20.33
CA LYS B 43 -13.25 -6.05 -21.58
C LYS B 43 -13.34 -4.53 -21.74
N LYS B 44 -13.55 -4.09 -22.97
CA LYS B 44 -13.79 -2.68 -23.25
C LYS B 44 -12.64 -1.78 -22.77
N ASP B 45 -11.40 -2.29 -22.88
CA ASP B 45 -10.18 -1.53 -22.60
C ASP B 45 -10.12 -1.02 -21.17
N ARG B 46 -10.59 -1.82 -20.23
CA ARG B 46 -10.63 -1.38 -18.86
C ARG B 46 -9.45 -1.95 -18.08
N PRO B 47 -8.61 -1.11 -17.51
CA PRO B 47 -7.66 -1.61 -16.53
C PRO B 47 -8.41 -1.91 -15.24
N ALA B 48 -8.17 -3.09 -14.68
CA ALA B 48 -8.98 -3.56 -13.58
C ALA B 48 -8.08 -4.13 -12.50
N THR B 49 -8.70 -4.55 -11.41
CA THR B 49 -8.01 -5.12 -10.28
C THR B 49 -8.75 -6.38 -9.86
N LYS B 50 -8.02 -7.45 -9.63
CA LYS B 50 -8.63 -8.62 -9.01
C LYS B 50 -8.32 -8.57 -7.52
N LEU B 51 -9.35 -8.75 -6.70
CA LEU B 51 -9.18 -8.80 -5.26
C LEU B 51 -9.18 -10.26 -4.83
N THR B 52 -8.17 -10.66 -4.07
CA THR B 52 -8.12 -11.99 -3.48
C THR B 52 -8.06 -11.87 -1.96
N VAL B 53 -8.86 -12.68 -1.28
CA VAL B 53 -8.91 -12.73 0.17
C VAL B 53 -8.64 -14.17 0.58
N LEU B 54 -7.68 -14.36 1.47
CA LEU B 54 -7.39 -15.67 2.03
C LEU B 54 -7.87 -15.68 3.47
N GLY B 55 -8.53 -16.74 3.88
CA GLY B 55 -8.96 -16.74 5.27
C GLY B 55 -9.38 -18.10 5.75
N ASN B 56 -9.82 -18.11 7.01
CA ASN B 56 -10.40 -19.30 7.62
C ASN B 56 -11.67 -19.69 6.91
N VAL B 57 -11.83 -21.00 6.66
CA VAL B 57 -13.00 -21.46 5.94
C VAL B 57 -14.28 -21.09 6.67
N ASN B 58 -14.22 -21.02 8.00
CA ASN B 58 -15.43 -20.71 8.76
C ASN B 58 -15.76 -19.23 8.74
N ASP B 59 -14.88 -18.41 8.16
CA ASP B 59 -15.13 -16.98 8.01
C ASP B 59 -15.69 -16.64 6.63
N LYS B 60 -16.17 -17.66 5.90
CA LYS B 60 -16.68 -17.45 4.55
C LYS B 60 -17.76 -16.39 4.51
N ASP B 61 -18.75 -16.49 5.40
CA ASP B 61 -19.89 -15.58 5.32
C ASP B 61 -19.51 -14.15 5.72
N LEU B 62 -18.64 -14.01 6.71
CA LEU B 62 -18.18 -12.68 7.12
C LEU B 62 -17.44 -11.99 5.99
N LEU B 63 -16.43 -12.65 5.44
CA LEU B 63 -15.61 -12.03 4.41
C LEU B 63 -16.41 -11.77 3.15
N THR B 64 -17.29 -12.69 2.77
CA THR B 64 -18.20 -12.45 1.65
C THR B 64 -19.04 -11.20 1.88
N LYS B 65 -19.62 -11.08 3.07
CA LYS B 65 -20.50 -9.95 3.33
C LYS B 65 -19.76 -8.64 3.22
N LEU B 66 -18.54 -8.58 3.73
CA LEU B 66 -17.77 -7.35 3.66
C LEU B 66 -17.45 -6.99 2.21
N ILE B 67 -17.13 -7.99 1.40
CA ILE B 67 -16.79 -7.71 0.00
C ILE B 67 -18.01 -7.18 -0.75
N LEU B 68 -19.17 -7.82 -0.57
CA LEU B 68 -20.37 -7.41 -1.30
C LEU B 68 -20.90 -6.07 -0.79
N GLN B 69 -20.60 -5.72 0.47
CA GLN B 69 -20.99 -4.44 1.05
C GLN B 69 -20.07 -3.30 0.62
N GLU B 70 -18.77 -3.56 0.57
CA GLU B 70 -17.81 -2.49 0.38
C GLU B 70 -17.25 -2.36 -1.02
N THR B 71 -17.35 -3.40 -1.86
CA THR B 71 -16.94 -3.28 -3.26
C THR B 71 -18.17 -3.22 -4.15
N THR B 72 -17.91 -3.04 -5.44
CA THR B 72 -18.96 -2.93 -6.44
C THR B 72 -19.37 -4.27 -7.05
N THR B 73 -18.72 -5.36 -6.67
CA THR B 73 -18.99 -6.64 -7.32
C THR B 73 -20.38 -7.16 -6.99
N ILE B 74 -21.00 -7.81 -7.98
CA ILE B 74 -22.32 -8.41 -7.80
C ILE B 74 -22.23 -9.79 -7.16
N GLY B 75 -21.13 -10.49 -7.36
CA GLY B 75 -20.97 -11.80 -6.77
C GLY B 75 -19.50 -12.04 -6.47
N VAL B 76 -19.26 -13.07 -5.67
CA VAL B 76 -17.91 -13.53 -5.39
C VAL B 76 -17.86 -15.01 -5.73
N ARG B 77 -16.67 -15.47 -6.09
CA ARG B 77 -16.38 -16.88 -6.29
C ARG B 77 -15.38 -17.31 -5.23
N TYR B 78 -15.51 -18.55 -4.76
CA TYR B 78 -14.65 -18.99 -3.68
C TYR B 78 -14.35 -20.48 -3.81
N GLN B 79 -13.30 -20.90 -3.11
CA GLN B 79 -12.89 -22.30 -3.09
C GLN B 79 -11.92 -22.49 -1.95
N THR B 80 -11.73 -23.74 -1.56
CA THR B 80 -10.84 -24.11 -0.48
C THR B 80 -9.57 -24.74 -1.05
N TRP B 81 -8.43 -24.31 -0.56
CA TRP B 81 -7.14 -24.90 -0.91
C TRP B 81 -6.60 -25.68 0.27
N GLN B 82 -6.00 -26.83 0.00
CA GLN B 82 -5.21 -27.49 1.03
C GLN B 82 -3.88 -26.76 1.20
N ARG B 83 -3.27 -26.93 2.37
CA ARG B 83 -2.03 -26.24 2.67
C ARG B 83 -1.03 -27.14 3.36
N THR B 84 0.24 -26.81 3.19
CA THR B 84 1.34 -27.39 3.96
C THR B 84 2.07 -26.25 4.64
N ILE B 85 2.19 -26.31 5.96
CA ILE B 85 2.68 -25.20 6.76
C ILE B 85 3.89 -25.67 7.56
N MET B 86 4.96 -24.88 7.55
CA MET B 86 6.09 -25.27 8.40
C MET B 86 5.80 -25.00 9.87
N GLN B 87 6.50 -25.74 10.72
CA GLN B 87 6.51 -25.41 12.13
C GLN B 87 7.28 -24.12 12.34
N ARG B 88 6.82 -23.35 13.32
CA ARG B 88 7.25 -21.97 13.47
C ARG B 88 7.46 -21.71 14.95
N HIS B 89 8.54 -21.01 15.29
CA HIS B 89 8.71 -20.47 16.64
C HIS B 89 9.52 -19.19 16.51
N PHE B 90 9.62 -18.46 17.61
CA PHE B 90 10.20 -17.13 17.60
C PHE B 90 11.39 -17.03 18.55
N LEU B 91 12.42 -16.31 18.13
CA LEU B 91 13.58 -16.02 18.96
C LEU B 91 13.75 -14.52 19.09
N THR B 92 14.05 -14.07 20.30
CA THR B 92 14.40 -12.68 20.55
C THR B 92 15.91 -12.54 20.64
N VAL B 93 16.49 -11.67 19.82
CA VAL B 93 17.92 -11.50 19.71
C VAL B 93 18.29 -10.07 20.11
N ALA B 94 19.38 -9.93 20.85
CA ALA B 94 19.86 -8.63 21.29
C ALA B 94 20.78 -8.00 20.25
N THR B 95 20.49 -6.75 19.88
CA THR B 95 21.27 -6.00 18.90
C THR B 95 21.73 -4.68 19.52
N PRO B 96 22.62 -3.92 18.87
CA PRO B 96 22.96 -2.59 19.39
C PRO B 96 21.78 -1.65 19.46
N TYR B 97 20.62 -2.03 18.93
CA TYR B 97 19.48 -1.15 18.88
C TYR B 97 18.31 -1.67 19.70
N GLY B 98 18.49 -2.77 20.41
CA GLY B 98 17.42 -3.37 21.17
C GLY B 98 17.11 -4.78 20.68
N ASP B 99 16.19 -5.41 21.36
CA ASP B 99 15.84 -6.77 21.04
C ASP B 99 14.96 -6.82 19.79
N VAL B 100 15.22 -7.80 18.94
CA VAL B 100 14.46 -7.98 17.71
C VAL B 100 13.96 -9.42 17.70
N GLN B 101 12.67 -9.60 17.46
CA GLN B 101 12.12 -10.95 17.36
C GLN B 101 12.40 -11.50 15.98
N VAL B 102 12.74 -12.78 15.93
CA VAL B 102 13.07 -13.46 14.69
C VAL B 102 12.17 -14.67 14.57
N LYS B 103 11.44 -14.75 13.46
CA LYS B 103 10.62 -15.91 13.14
C LYS B 103 11.54 -17.01 12.64
N VAL B 104 11.51 -18.16 13.30
CA VAL B 104 12.30 -19.32 12.91
C VAL B 104 11.34 -20.38 12.38
N ALA B 105 11.44 -20.70 11.10
CA ALA B 105 10.58 -21.68 10.47
C ALA B 105 11.38 -22.93 10.13
N THR B 106 10.79 -24.09 10.40
CA THR B 106 11.47 -25.35 10.18
C THR B 106 10.57 -26.29 9.39
N TYR B 107 11.20 -27.10 8.54
CA TYR B 107 10.49 -28.09 7.75
C TYR B 107 11.43 -29.25 7.47
N GLN B 108 11.15 -30.42 8.07
CA GLN B 108 12.06 -31.54 7.94
C GLN B 108 13.42 -31.05 8.40
N ASP B 109 14.41 -31.00 7.51
CA ASP B 109 15.71 -30.49 7.88
C ASP B 109 15.91 -29.05 7.46
N ILE B 110 14.84 -28.32 7.21
CA ILE B 110 14.91 -26.91 6.86
C ILE B 110 14.80 -26.07 8.11
N GLU B 111 15.60 -25.02 8.15
CA GLU B 111 15.54 -24.04 9.23
C GLU B 111 15.90 -22.71 8.60
N LYS B 112 15.01 -21.73 8.74
CA LYS B 112 15.26 -20.42 8.17
C LYS B 112 14.77 -19.35 9.13
N LYS B 113 15.30 -18.15 8.95
CA LYS B 113 15.14 -17.06 9.90
C LYS B 113 14.73 -15.78 9.16
N MET B 114 13.59 -15.21 9.55
CA MET B 114 13.13 -13.94 9.00
C MET B 114 12.96 -12.96 10.15
N PRO B 115 13.85 -11.98 10.31
CA PRO B 115 13.63 -10.99 11.36
C PRO B 115 12.29 -10.29 11.16
N GLU B 116 11.63 -10.00 12.28
CA GLU B 116 10.26 -9.50 12.26
C GLU B 116 10.22 -8.06 11.76
N TYR B 117 9.35 -7.80 10.80
CA TYR B 117 9.31 -6.49 10.16
C TYR B 117 9.02 -5.39 11.15
N ALA B 118 8.04 -5.61 12.03
CA ALA B 118 7.64 -4.53 12.92
C ALA B 118 8.77 -4.11 13.85
N ASP B 119 9.59 -5.07 14.30
CA ASP B 119 10.72 -4.74 15.18
C ASP B 119 11.81 -3.98 14.45
N CYS B 120 12.14 -4.40 13.23
CA CYS B 120 13.20 -3.73 12.49
C CYS B 120 12.78 -2.33 12.08
N ALA B 121 11.53 -2.17 11.67
CA ALA B 121 11.03 -0.86 11.28
C ALA B 121 10.92 0.09 12.47
N GLN B 122 10.40 -0.41 13.60
CA GLN B 122 10.28 0.42 14.79
C GLN B 122 11.64 0.91 15.26
N LEU B 123 12.62 0.01 15.33
CA LEU B 123 13.94 0.40 15.80
C LEU B 123 14.68 1.24 14.76
N ALA B 124 14.41 1.04 13.47
CA ALA B 124 15.05 1.83 12.45
C ALA B 124 14.64 3.29 12.54
N GLN B 125 13.35 3.54 12.70
CA GLN B 125 12.87 4.90 12.94
C GLN B 125 13.43 5.45 14.24
N GLN B 126 13.36 4.65 15.29
CA GLN B 126 13.75 5.10 16.62
C GLN B 126 15.21 5.54 16.65
N PHE B 127 16.10 4.79 16.01
CA PHE B 127 17.52 5.06 16.05
C PHE B 127 18.03 5.75 14.78
N HIS B 128 17.14 6.10 13.87
CA HIS B 128 17.44 6.88 12.65
C HIS B 128 18.50 6.19 11.78
N ILE B 129 18.33 4.89 11.58
CA ILE B 129 19.21 4.11 10.71
C ILE B 129 18.36 3.40 9.67
N PRO B 130 18.94 3.02 8.54
CA PRO B 130 18.18 2.28 7.53
C PRO B 130 17.60 0.98 8.08
N PHE B 131 16.45 0.60 7.52
CA PHE B 131 15.80 -0.66 7.87
C PHE B 131 16.74 -1.85 7.66
N ARG B 132 17.52 -1.82 6.58
CA ARG B 132 18.43 -2.92 6.29
C ARG B 132 19.54 -3.01 7.32
N THR B 133 19.91 -1.90 7.93
CA THR B 133 20.93 -1.94 8.97
C THR B 133 20.46 -2.72 10.19
N VAL B 134 19.21 -2.53 10.59
CA VAL B 134 18.67 -3.25 11.74
C VAL B 134 18.42 -4.70 11.38
N TYR B 135 17.90 -4.95 10.17
CA TYR B 135 17.67 -6.30 9.70
C TYR B 135 18.95 -7.12 9.72
N GLN B 136 20.06 -6.53 9.29
CA GLN B 136 21.31 -7.29 9.22
C GLN B 136 21.88 -7.55 10.62
N ALA B 137 21.79 -6.57 11.51
CA ALA B 137 22.25 -6.77 12.89
C ALA B 137 21.51 -7.89 13.59
N ALA B 138 20.23 -8.09 13.25
CA ALA B 138 19.52 -9.24 13.81
C ALA B 138 20.05 -10.55 13.23
N LEU B 139 20.50 -10.54 11.97
CA LEU B 139 21.11 -11.72 11.39
C LEU B 139 22.44 -12.04 12.05
N VAL B 140 23.24 -11.01 12.30
CA VAL B 140 24.49 -11.19 13.04
C VAL B 140 24.19 -11.72 14.42
N ALA B 141 23.23 -11.11 15.12
CA ALA B 141 22.89 -11.56 16.46
C ALA B 141 22.45 -13.01 16.46
N VAL B 142 21.72 -13.43 15.42
CA VAL B 142 21.33 -14.82 15.29
C VAL B 142 22.55 -15.70 15.11
N ASP B 143 23.53 -15.22 14.36
CA ASP B 143 24.72 -16.02 14.07
C ASP B 143 25.49 -16.44 15.32
N GLN B 144 25.24 -15.83 16.46
CA GLN B 144 25.70 -16.43 17.71
C GLN B 144 24.56 -16.66 18.70
MN MN C . -6.28 14.71 -0.55
MN MN D . -19.88 22.48 10.23
MN MN E . 4.42 -11.14 6.59
N1 CTP F . 0.17 16.67 -5.75
C2 CTP F . 1.16 17.06 -6.60
N3 CTP F . 1.81 16.11 -7.36
C4 CTP F . 1.36 14.80 -7.34
C5 CTP F . 0.31 14.44 -6.52
C6 CTP F . -0.05 15.35 -5.53
O2 CTP F . 1.48 18.24 -6.70
N4 CTP F . 1.94 13.89 -8.12
C1' CTP F . -0.47 17.66 -4.88
C2' CTP F . -1.95 17.69 -5.18
O2' CTP F . -2.33 18.98 -5.60
C3' CTP F . -2.65 17.34 -3.88
C4' CTP F . -1.53 17.04 -2.89
O4' CTP F . -0.30 17.24 -3.54
O3' CTP F . -3.44 18.42 -3.42
C5' CTP F . -1.59 15.59 -2.44
O5' CTP F . -2.44 14.91 -3.31
PA CTP F . -3.52 13.96 -2.62
O1A CTP F . -3.62 12.69 -3.43
O2A CTP F . -4.85 14.66 -2.51
O3A CTP F . -2.78 13.75 -1.20
PB CTP F . -3.52 13.44 0.19
O1B CTP F . -2.52 13.46 1.29
O2B CTP F . -4.65 14.40 0.41
O3B CTP F . -4.07 11.93 0.07
PG CTP F . -5.45 11.50 -0.58
O1G CTP F . -5.14 10.82 -1.88
O2G CTP F . -6.09 10.51 0.34
O3G CTP F . -6.37 12.66 -0.78
CL CL G . 2.50 14.78 -11.93
MN MN H . -5.09 11.45 -4.00
MN MN I . 4.87 -11.39 11.47
MN MN J . 13.68 10.45 16.85
N1 CTP K . -1.38 -16.32 7.77
C2 CTP K . -1.81 -17.48 7.17
N3 CTP K . -1.93 -17.55 5.81
C4 CTP K . -1.47 -16.51 5.04
C5 CTP K . -0.97 -15.37 5.63
C6 CTP K . -1.00 -15.26 7.02
O2 CTP K . -2.10 -18.45 7.86
N4 CTP K . -1.50 -16.61 3.71
C1' CTP K . -1.40 -16.22 9.24
C2' CTP K . -0.07 -16.72 9.77
O2' CTP K . -0.30 -17.47 10.95
C3' CTP K . 0.70 -15.46 10.10
C4' CTP K . -0.41 -14.48 10.43
O4' CTP K . -1.49 -14.87 9.62
O3' CTP K . 1.58 -15.67 11.17
C5' CTP K . -0.05 -13.04 10.08
O5' CTP K . 0.69 -13.09 8.88
PA CTP K . 1.78 -11.96 8.63
O1A CTP K . 3.16 -12.42 9.03
O2A CTP K . 1.75 -11.54 7.19
O3A CTP K . 1.24 -10.82 9.63
PB CTP K . 2.22 -9.79 10.37
O1B CTP K . 3.27 -10.58 11.12
O2B CTP K . 1.37 -8.94 11.27
O3B CTP K . 2.87 -8.88 9.22
PG CTP K . 4.43 -8.71 8.91
O1G CTP K . 4.65 -9.28 7.53
O2G CTP K . 4.74 -7.25 8.90
O3G CTP K . 5.33 -9.45 9.86
CL CL L . -1.89 -19.60 1.69
CL CL M . -4.79 -16.51 -10.01
#